data_7B7G
#
_entry.id   7B7G
#
_cell.length_a   37.424
_cell.length_b   35.302
_cell.length_c   37.802
_cell.angle_alpha   90.000
_cell.angle_beta   92.660
_cell.angle_gamma   90.000
#
_symmetry.space_group_name_H-M   'P 1 21 1'
#
loop_
_entity.id
_entity.type
_entity.pdbx_description
1 polymer 'Bromodomain adjacent to zinc finger domain protein 2A'
2 non-polymer 5-ethyl-2-(3-methyl-1,2,3-triazol-4-yl)-1~{H}-benzimidazole
3 non-polymer 1-[1-(3,5-dimethoxyphenyl)piperidin-4-yl]-2,3-dimethyl-guanidine
4 water water
#
_entity_poly.entity_id   1
_entity_poly.type   'polypeptide(L)'
_entity_poly.pdbx_seq_one_letter_code
;SMHSDLTFCEIILMEMESHDAAWPFLEPVNPRLVSGYRRIIKNPMDFSTMRHRLSRGGYTSSEEFAADALLVFDNCQTFN
EDDSEVGKAGHIMRRFFESRWEEFY
;
_entity_poly.pdbx_strand_id   A
#
# COMPACT_ATOMS: atom_id res chain seq x y z
N SER A 1 -10.86 17.67 -1.35
CA SER A 1 -9.75 17.17 -0.56
C SER A 1 -10.23 16.16 0.49
N MET A 2 -9.29 15.62 1.29
CA MET A 2 -9.61 14.57 2.25
C MET A 2 -10.55 15.09 3.34
N HIS A 3 -11.60 14.33 3.62
CA HIS A 3 -12.46 14.64 4.75
C HIS A 3 -11.72 14.30 6.04
N SER A 4 -11.89 15.14 7.06
CA SER A 4 -11.17 14.93 8.30
C SER A 4 -11.51 13.59 8.97
N ASP A 5 -12.67 13.00 8.67
CA ASP A 5 -12.99 11.71 9.26
C ASP A 5 -12.00 10.63 8.84
N LEU A 6 -11.25 10.83 7.75
CA LEU A 6 -10.26 9.87 7.29
C LEU A 6 -8.84 10.20 7.76
N THR A 7 -8.67 11.12 8.69
CA THR A 7 -7.34 11.42 9.20
C THR A 7 -6.65 10.16 9.74
N PHE A 8 -7.39 9.26 10.37
CA PHE A 8 -6.77 8.05 10.90
C PHE A 8 -6.14 7.22 9.79
N CYS A 9 -6.73 7.24 8.60
CA CYS A 9 -6.12 6.56 7.45
C CYS A 9 -4.86 7.27 6.97
N GLU A 10 -4.87 8.60 6.96
CA GLU A 10 -3.70 9.36 6.59
C GLU A 10 -2.53 9.01 7.49
N ILE A 11 -2.79 8.82 8.78
CA ILE A 11 -1.75 8.48 9.75
C ILE A 11 -1.24 7.06 9.51
N ILE A 12 -2.16 6.11 9.31
CA ILE A 12 -1.73 4.73 9.02
C ILE A 12 -0.82 4.70 7.80
N LEU A 13 -1.20 5.41 6.75
CA LEU A 13 -0.37 5.42 5.54
C LEU A 13 0.99 6.04 5.79
N MET A 14 1.03 7.16 6.52
CA MET A 14 2.31 7.75 6.90
C MET A 14 3.18 6.75 7.65
N GLU A 15 2.59 6.03 8.60
CA GLU A 15 3.37 5.06 9.38
C GLU A 15 3.82 3.89 8.51
N MET A 16 3.01 3.47 7.54
CA MET A 16 3.46 2.43 6.62
C MET A 16 4.65 2.93 5.80
N GLU A 17 4.59 4.16 5.30
CA GLU A 17 5.68 4.67 4.47
C GLU A 17 6.98 4.76 5.24
N SER A 18 6.91 4.93 6.56
CA SER A 18 8.11 5.02 7.39
C SER A 18 8.69 3.66 7.76
N HIS A 19 7.97 2.57 7.50
CA HIS A 19 8.36 1.25 7.98
C HIS A 19 9.57 0.71 7.21
N ASP A 20 10.39 -0.09 7.92
CA ASP A 20 11.56 -0.70 7.28
C ASP A 20 11.20 -1.47 6.03
N ALA A 21 10.07 -2.18 6.04
CA ALA A 21 9.70 -3.05 4.94
C ALA A 21 8.91 -2.35 3.86
N ALA A 22 8.78 -1.02 3.92
CA ALA A 22 7.96 -0.30 2.95
C ALA A 22 8.66 -0.02 1.62
N TRP A 23 9.99 -0.12 1.57
CA TRP A 23 10.75 0.33 0.40
C TRP A 23 10.26 -0.19 -0.94
N PRO A 24 9.80 -1.45 -1.09
CA PRO A 24 9.37 -1.87 -2.42
C PRO A 24 8.10 -1.20 -2.90
N PHE A 25 7.36 -0.57 -1.98
CA PHE A 25 5.98 -0.16 -2.21
C PHE A 25 5.78 1.34 -2.17
N LEU A 26 6.86 2.13 -2.07
CA LEU A 26 6.72 3.57 -1.87
C LEU A 26 6.23 4.27 -3.13
N GLU A 27 6.65 3.78 -4.30
CA GLU A 27 6.31 4.37 -5.58
CA GLU A 27 6.31 4.36 -5.59
C GLU A 27 5.86 3.28 -6.51
N PRO A 28 5.19 3.62 -7.62
CA PRO A 28 4.76 2.58 -8.57
C PRO A 28 5.93 1.67 -8.94
N VAL A 29 5.62 0.39 -9.16
CA VAL A 29 6.67 -0.53 -9.65
C VAL A 29 7.22 0.04 -10.94
N ASN A 30 8.55 0.13 -11.00
CA ASN A 30 9.24 0.96 -11.97
C ASN A 30 9.75 0.10 -13.12
N PRO A 31 9.23 0.27 -14.35
CA PRO A 31 9.74 -0.52 -15.48
C PRO A 31 11.22 -0.35 -15.74
N ARG A 32 11.84 0.73 -15.28
CA ARG A 32 13.29 0.84 -15.44
C ARG A 32 14.03 -0.18 -14.60
N LEU A 33 13.39 -0.71 -13.55
CA LEU A 33 14.03 -1.61 -12.60
C LEU A 33 13.44 -3.01 -12.55
N VAL A 34 12.19 -3.19 -12.97
CA VAL A 34 11.48 -4.46 -12.82
C VAL A 34 10.79 -4.72 -14.14
N SER A 35 11.10 -5.84 -14.76
CA SER A 35 10.56 -6.20 -16.07
CA SER A 35 10.52 -6.17 -16.06
C SER A 35 9.32 -7.08 -15.89
N GLY A 36 8.38 -6.96 -16.83
CA GLY A 36 7.25 -7.86 -16.90
C GLY A 36 6.21 -7.69 -15.80
N TYR A 37 6.13 -6.52 -15.16
CA TYR A 37 5.25 -6.39 -14.01
C TYR A 37 3.80 -6.23 -14.44
N ARG A 38 3.50 -5.21 -15.25
CA ARG A 38 2.13 -4.95 -15.68
C ARG A 38 1.63 -6.02 -16.63
N ARG A 39 2.52 -6.85 -17.18
CA ARG A 39 2.10 -8.03 -17.93
C ARG A 39 1.28 -8.98 -17.06
N ILE A 40 1.58 -9.03 -15.76
CA ILE A 40 0.95 -9.94 -14.80
C ILE A 40 -0.05 -9.23 -13.91
N ILE A 41 0.26 -7.99 -13.52
CA ILE A 41 -0.49 -7.29 -12.49
C ILE A 41 -1.40 -6.28 -13.17
N LYS A 42 -2.71 -6.51 -13.11
CA LYS A 42 -3.68 -5.72 -13.83
C LYS A 42 -3.92 -4.36 -13.19
N ASN A 43 -3.81 -4.26 -11.87
CA ASN A 43 -4.12 -3.02 -11.15
C ASN A 43 -3.02 -2.70 -10.16
N PRO A 44 -1.92 -2.12 -10.64
CA PRO A 44 -0.83 -1.75 -9.75
C PRO A 44 -1.30 -0.76 -8.69
N MET A 45 -0.66 -0.83 -7.53
CA MET A 45 -0.93 0.13 -6.46
C MET A 45 0.31 0.31 -5.62
N ASP A 46 0.48 1.50 -5.06
CA ASP A 46 1.66 1.84 -4.26
C ASP A 46 1.27 2.95 -3.29
N PHE A 47 2.14 3.16 -2.30
CA PHE A 47 1.80 4.11 -1.24
C PHE A 47 1.77 5.57 -1.70
N SER A 48 2.60 5.98 -2.67
CA SER A 48 2.52 7.37 -3.13
CA SER A 48 2.52 7.37 -3.13
CA SER A 48 2.53 7.37 -3.14
C SER A 48 1.21 7.63 -3.85
N THR A 49 0.77 6.68 -4.68
CA THR A 49 -0.52 6.81 -5.34
C THR A 49 -1.63 6.90 -4.30
N MET A 50 -1.56 6.06 -3.26
CA MET A 50 -2.56 6.14 -2.20
C MET A 50 -2.52 7.48 -1.48
N ARG A 51 -1.32 7.98 -1.21
CA ARG A 51 -1.20 9.24 -0.48
C ARG A 51 -1.84 10.38 -1.25
N HIS A 52 -1.61 10.43 -2.57
CA HIS A 52 -2.22 11.47 -3.39
CA HIS A 52 -2.22 11.46 -3.39
C HIS A 52 -3.72 11.27 -3.49
N ARG A 53 -4.18 10.04 -3.69
CA ARG A 53 -5.61 9.80 -3.80
C ARG A 53 -6.32 10.22 -2.50
N LEU A 54 -5.74 9.86 -1.36
CA LEU A 54 -6.36 10.19 -0.08
C LEU A 54 -6.39 11.69 0.13
N SER A 55 -5.26 12.37 -0.10
CA SER A 55 -5.18 13.77 0.27
CA SER A 55 -5.14 13.78 0.24
C SER A 55 -6.06 14.64 -0.63
N ARG A 56 -6.32 14.22 -1.87
CA ARG A 56 -7.06 15.06 -2.81
C ARG A 56 -8.54 14.67 -2.92
N GLY A 57 -9.03 13.80 -2.04
CA GLY A 57 -10.45 13.48 -2.02
C GLY A 57 -10.87 12.28 -2.84
N GLY A 58 -9.94 11.47 -3.30
CA GLY A 58 -10.24 10.32 -4.12
C GLY A 58 -10.69 9.08 -3.36
N TYR A 59 -10.64 9.09 -2.03
CA TYR A 59 -11.29 8.05 -1.22
C TYR A 59 -12.45 8.68 -0.49
N THR A 60 -13.64 8.18 -0.74
CA THR A 60 -14.80 8.59 0.02
C THR A 60 -14.87 7.90 1.38
N SER A 61 -14.42 6.65 1.47
CA SER A 61 -14.57 5.88 2.68
C SER A 61 -13.26 5.20 3.04
N SER A 62 -13.16 4.83 4.32
CA SER A 62 -12.04 4.05 4.79
C SER A 62 -11.96 2.69 4.12
N GLU A 63 -13.10 2.12 3.72
CA GLU A 63 -13.09 0.85 3.02
C GLU A 63 -12.35 0.94 1.69
N GLU A 64 -12.53 2.03 0.97
CA GLU A 64 -11.83 2.17 -0.30
C GLU A 64 -10.33 2.32 -0.07
N PHE A 65 -9.95 3.05 0.98
CA PHE A 65 -8.55 3.18 1.32
C PHE A 65 -7.95 1.83 1.65
N ALA A 66 -8.64 1.04 2.49
CA ALA A 66 -8.13 -0.26 2.88
C ALA A 66 -8.03 -1.20 1.70
N ALA A 67 -8.98 -1.10 0.75
CA ALA A 67 -8.94 -1.96 -0.43
C ALA A 67 -7.67 -1.71 -1.23
N ASP A 68 -7.26 -0.45 -1.33
CA ASP A 68 -6.01 -0.16 -2.04
C ASP A 68 -4.79 -0.65 -1.27
N ALA A 69 -4.80 -0.53 0.07
CA ALA A 69 -3.70 -1.11 0.85
C ALA A 69 -3.59 -2.60 0.60
N LEU A 70 -4.71 -3.32 0.65
CA LEU A 70 -4.65 -4.76 0.44
C LEU A 70 -4.22 -5.09 -0.98
N LEU A 71 -4.59 -4.25 -1.95
CA LEU A 71 -4.14 -4.43 -3.33
C LEU A 71 -2.63 -4.38 -3.43
N VAL A 72 -1.97 -3.48 -2.69
CA VAL A 72 -0.50 -3.46 -2.64
C VAL A 72 0.02 -4.84 -2.25
N PHE A 73 -0.56 -5.42 -1.20
CA PHE A 73 -0.05 -6.68 -0.66
C PHE A 73 -0.45 -7.87 -1.53
N ASP A 74 -1.66 -7.83 -2.07
CA ASP A 74 -2.10 -8.90 -2.97
C ASP A 74 -1.27 -8.93 -4.24
N ASN A 75 -1.00 -7.75 -4.82
CA ASN A 75 -0.14 -7.70 -6.00
C ASN A 75 1.24 -8.26 -5.69
N CYS A 76 1.78 -7.88 -4.52
CA CYS A 76 3.10 -8.35 -4.14
C CYS A 76 3.14 -9.87 -4.07
N GLN A 77 2.13 -10.50 -3.48
CA GLN A 77 2.18 -11.94 -3.40
C GLN A 77 1.88 -12.61 -4.75
N THR A 78 1.22 -11.92 -5.67
CA THR A 78 1.03 -12.47 -7.01
C THR A 78 2.33 -12.48 -7.79
N PHE A 79 3.10 -11.40 -7.70
CA PHE A 79 4.27 -11.26 -8.55
C PHE A 79 5.52 -11.89 -7.98
N ASN A 80 5.65 -11.94 -6.65
CA ASN A 80 6.93 -12.22 -6.01
C ASN A 80 6.84 -13.54 -5.25
N GLU A 81 7.95 -14.27 -5.26
CA GLU A 81 8.05 -15.47 -4.43
C GLU A 81 8.06 -15.10 -2.96
N ASP A 82 7.48 -15.98 -2.14
CA ASP A 82 7.37 -15.68 -0.71
C ASP A 82 8.73 -15.50 -0.04
N ASP A 83 9.76 -16.19 -0.51
CA ASP A 83 11.07 -16.08 0.12
C ASP A 83 11.97 -15.05 -0.53
N SER A 84 11.45 -14.28 -1.48
CA SER A 84 12.23 -13.18 -2.04
C SER A 84 12.19 -12.00 -1.08
N GLU A 85 13.15 -11.10 -1.23
CA GLU A 85 13.17 -9.91 -0.37
C GLU A 85 11.88 -9.11 -0.47
N VAL A 86 11.38 -8.89 -1.69
CA VAL A 86 10.15 -8.12 -1.82
C VAL A 86 8.96 -8.93 -1.32
N GLY A 87 8.93 -10.23 -1.57
CA GLY A 87 7.85 -11.04 -1.04
C GLY A 87 7.78 -10.99 0.48
N LYS A 88 8.93 -11.13 1.14
CA LYS A 88 8.97 -11.03 2.59
C LYS A 88 8.50 -9.66 3.07
N ALA A 89 8.91 -8.60 2.39
CA ALA A 89 8.50 -7.26 2.78
C ALA A 89 7.00 -7.10 2.71
N GLY A 90 6.38 -7.67 1.68
CA GLY A 90 4.93 -7.57 1.55
C GLY A 90 4.20 -8.22 2.71
N HIS A 91 4.69 -9.39 3.14
CA HIS A 91 4.08 -10.06 4.28
C HIS A 91 4.24 -9.25 5.57
N ILE A 92 5.41 -8.64 5.77
CA ILE A 92 5.60 -7.78 6.94
C ILE A 92 4.62 -6.63 6.90
N MET A 93 4.50 -5.98 5.75
CA MET A 93 3.65 -4.80 5.65
C MET A 93 2.18 -5.16 5.80
N ARG A 94 1.75 -6.32 5.30
CA ARG A 94 0.37 -6.74 5.51
C ARG A 94 0.07 -6.88 6.99
N ARG A 95 0.96 -7.54 7.74
CA ARG A 95 0.74 -7.70 9.18
CA ARG A 95 0.76 -7.70 9.17
C ARG A 95 0.70 -6.35 9.87
N PHE A 96 1.63 -5.45 9.52
CA PHE A 96 1.65 -4.12 10.12
C PHE A 96 0.35 -3.38 9.83
N PHE A 97 -0.10 -3.39 8.57
CA PHE A 97 -1.34 -2.72 8.24
C PHE A 97 -2.51 -3.32 9.02
N GLU A 98 -2.63 -4.65 9.02
CA GLU A 98 -3.79 -5.26 9.63
CA GLU A 98 -3.77 -5.28 9.66
C GLU A 98 -3.79 -4.97 11.15
N SER A 99 -2.63 -4.93 11.79
CA SER A 99 -2.58 -4.62 13.22
CA SER A 99 -2.55 -4.61 13.20
C SER A 99 -3.05 -3.19 13.48
N ARG A 100 -2.48 -2.27 12.72
CA ARG A 100 -3.05 -0.90 12.71
CA ARG A 100 -3.11 -0.87 12.81
C ARG A 100 -4.59 -0.69 12.49
N TRP A 101 -5.07 -1.42 11.48
CA TRP A 101 -6.48 -1.35 11.13
C TRP A 101 -7.36 -1.95 12.21
N GLU A 102 -6.88 -3.03 12.83
CA GLU A 102 -7.68 -3.73 13.84
C GLU A 102 -7.88 -2.91 15.09
N GLU A 103 -7.09 -1.86 15.31
CA GLU A 103 -7.36 -0.95 16.40
C GLU A 103 -8.65 -0.18 16.17
N PHE A 104 -9.11 -0.11 14.93
CA PHE A 104 -10.36 0.57 14.58
C PHE A 104 -11.47 -0.40 14.20
N TYR A 105 -11.15 -1.49 13.51
CA TYR A 105 -12.14 -2.47 13.08
C TYR A 105 -11.77 -3.83 13.65
#